data_8QVA
#
_entry.id   8QVA
#
_cell.length_a   90.343
_cell.length_b   90.343
_cell.length_c   56.424
_cell.angle_alpha   90.00
_cell.angle_beta   90.00
_cell.angle_gamma   120.00
#
_symmetry.space_group_name_H-M   'P 6'
#
loop_
_entity.id
_entity.type
_entity.pdbx_description
1 polymer 'Spacer peptide 1'
2 non-polymer 1,2-ETHANEDIOL
3 non-polymer 7-azanyl-3-(phenylmethyl)-1~{H}-benzimidazol-2-one
4 water water
#
_entity_poly.entity_id   1
_entity_poly.type   'polypeptide(L)'
_entity_poly.pdbx_seq_one_letter_code
;PIVQNLQGQMVHQCISPRTLNAWVKVVEEKAFSPEVIPMFSALSCGATPQDLNTMLNTVGGHQAAMQMLKETINEEAAEW
DRLHPVHAGPIAPGQMREPRGSDIAGTTSTLQEQIGWMTHNPPIPVGEIYKRWIILGLNKIVRMYSPTSILDIRQGPKEP
FRDYVDRFYKTLRAEQASQEVKNAATETLLVQNANPDCKTILKALGPGATLEEMMTACQGVGGPGHKARVL
;
_entity_poly.pdbx_strand_id   A
#
# COMPACT_ATOMS: atom_id res chain seq x y z
N PRO A 1 -8.45 -15.55 7.29
CA PRO A 1 -8.27 -14.46 8.26
C PRO A 1 -8.67 -14.87 9.63
N ILE A 2 -8.49 -13.97 10.57
CA ILE A 2 -9.08 -14.05 11.91
C ILE A 2 -10.24 -13.08 11.95
N VAL A 3 -11.40 -13.61 12.26
CA VAL A 3 -12.63 -12.85 12.36
C VAL A 3 -13.27 -13.10 13.75
N GLN A 4 -14.10 -12.15 14.14
CA GLN A 4 -15.05 -12.44 15.22
C GLN A 4 -16.20 -13.21 14.64
N ASN A 5 -16.65 -14.21 15.34
CA ASN A 5 -17.75 -14.97 14.83
C ASN A 5 -19.11 -14.20 15.13
N LEU A 6 -20.25 -14.88 15.03
CA LEU A 6 -21.57 -14.33 15.38
C LEU A 6 -21.88 -14.39 16.88
N GLN A 7 -21.18 -15.27 17.61
CA GLN A 7 -21.41 -15.48 19.04
C GLN A 7 -20.15 -15.21 19.83
N GLY A 8 -19.44 -14.15 19.46
CA GLY A 8 -18.39 -13.55 20.29
C GLY A 8 -17.11 -14.31 20.60
N GLN A 9 -16.22 -14.45 19.59
CA GLN A 9 -14.80 -14.78 19.79
C GLN A 9 -13.99 -14.78 18.46
N MET A 10 -12.68 -14.60 18.62
CA MET A 10 -11.76 -14.45 17.49
C MET A 10 -11.32 -15.79 16.97
N VAL A 11 -11.75 -16.15 15.77
CA VAL A 11 -11.34 -17.43 15.20
C VAL A 11 -10.86 -17.36 13.74
N HIS A 12 -10.08 -18.36 13.34
CA HIS A 12 -9.55 -18.47 11.99
C HIS A 12 -10.65 -18.84 11.05
N GLN A 13 -10.73 -18.11 9.96
CA GLN A 13 -11.60 -18.45 8.87
C GLN A 13 -10.80 -18.64 7.58
N CYS A 14 -11.20 -19.61 6.76
CA CYS A 14 -10.61 -19.78 5.42
C CYS A 14 -10.73 -18.48 4.58
N ILE A 15 -9.64 -18.13 3.91
CA ILE A 15 -9.68 -17.10 2.90
C ILE A 15 -10.66 -17.46 1.80
N SER A 16 -11.52 -16.52 1.40
CA SER A 16 -12.63 -16.92 0.53
C SER A 16 -12.22 -16.93 -0.92
N PRO A 17 -12.93 -17.72 -1.74
CA PRO A 17 -12.71 -17.68 -3.19
C PRO A 17 -12.94 -16.32 -3.78
N ARG A 18 -13.90 -15.62 -3.23
CA ARG A 18 -14.17 -14.30 -3.70
C ARG A 18 -12.97 -13.35 -3.48
N THR A 19 -12.45 -13.35 -2.28
CA THR A 19 -11.21 -12.59 -1.96
C THR A 19 -10.03 -12.96 -2.85
N LEU A 20 -9.74 -14.25 -2.98
CA LEU A 20 -8.63 -14.76 -3.77
C LEU A 20 -8.75 -14.25 -5.18
N ASN A 21 -9.95 -14.36 -5.75
CA ASN A 21 -10.14 -13.99 -7.14
C ASN A 21 -10.08 -12.46 -7.32
N ALA A 22 -10.67 -11.73 -6.38
CA ALA A 22 -10.62 -10.26 -6.41
C ALA A 22 -9.18 -9.74 -6.47
N TRP A 23 -8.34 -10.27 -5.61
CA TRP A 23 -6.98 -9.83 -5.57
C TRP A 23 -6.28 -10.16 -6.91
N VAL A 24 -6.35 -11.41 -7.33
CA VAL A 24 -5.72 -11.78 -8.58
C VAL A 24 -6.22 -10.90 -9.72
N LYS A 25 -7.50 -10.58 -9.75
CA LYS A 25 -8.03 -9.85 -10.88
C LYS A 25 -7.63 -8.40 -10.80
N VAL A 26 -7.57 -7.81 -9.62
CA VAL A 26 -7.10 -6.44 -9.49
C VAL A 26 -5.66 -6.26 -9.95
N VAL A 27 -4.78 -7.21 -9.63
CA VAL A 27 -3.44 -7.17 -10.14
C VAL A 27 -3.44 -7.31 -11.65
N GLU A 28 -4.26 -8.19 -12.22
CA GLU A 28 -4.23 -8.40 -13.65
C GLU A 28 -4.66 -7.12 -14.38
N GLU A 29 -5.69 -6.49 -13.86
CA GLU A 29 -6.20 -5.29 -14.46
C GLU A 29 -5.40 -4.01 -14.22
N LYS A 30 -4.92 -3.82 -13.01
CA LYS A 30 -4.30 -2.59 -12.63
C LYS A 30 -2.81 -2.58 -12.35
N ALA A 31 -2.17 -3.75 -12.39
CA ALA A 31 -0.74 -3.90 -12.10
C ALA A 31 -0.33 -3.13 -10.86
N PHE A 32 0.61 -2.20 -10.97
CA PHE A 32 1.01 -1.47 -9.80
C PHE A 32 0.54 -0.02 -9.77
N SER A 33 -0.59 0.22 -10.39
CA SER A 33 -1.20 1.52 -10.26
C SER A 33 -1.48 1.73 -8.76
N PRO A 34 -1.35 2.97 -8.27
CA PRO A 34 -1.33 3.18 -6.83
C PRO A 34 -2.55 2.77 -6.13
N GLU A 35 -3.73 2.85 -6.78
CA GLU A 35 -4.99 2.35 -6.14
C GLU A 35 -5.07 0.84 -5.79
N VAL A 36 -4.13 0.05 -6.25
CA VAL A 36 -4.10 -1.37 -5.94
C VAL A 36 -3.68 -1.58 -4.49
N ILE A 37 -2.95 -0.64 -3.92
CA ILE A 37 -2.51 -0.76 -2.53
C ILE A 37 -3.63 -0.72 -1.54
N PRO A 38 -4.43 0.34 -1.54
CA PRO A 38 -5.61 0.25 -0.63
C PRO A 38 -6.53 -0.96 -0.90
N MET A 39 -6.65 -1.39 -2.16
CA MET A 39 -7.43 -2.58 -2.47
C MET A 39 -6.79 -3.81 -1.78
N PHE A 40 -5.48 -3.95 -1.88
CA PHE A 40 -4.77 -5.03 -1.21
C PHE A 40 -5.01 -4.99 0.29
N SER A 41 -4.86 -3.80 0.89
CA SER A 41 -5.00 -3.65 2.34
C SER A 41 -6.38 -4.09 2.80
N ALA A 42 -7.39 -3.76 1.99
CA ALA A 42 -8.79 -4.08 2.33
C ALA A 42 -9.16 -5.55 2.06
N LEU A 43 -8.67 -6.11 0.97
CA LEU A 43 -8.88 -7.53 0.70
C LEU A 43 -8.16 -8.38 1.77
N SER A 44 -7.10 -7.84 2.41
CA SER A 44 -6.37 -8.62 3.41
C SER A 44 -6.80 -8.22 4.84
N CYS A 45 -8.02 -7.69 4.96
CA CYS A 45 -8.53 -7.36 6.23
C CYS A 45 -8.60 -8.66 7.08
N GLY A 46 -8.00 -8.56 8.26
CA GLY A 46 -7.93 -9.69 9.21
C GLY A 46 -6.94 -10.82 8.87
N ALA A 47 -6.10 -10.62 7.84
CA ALA A 47 -5.26 -11.69 7.30
C ALA A 47 -4.25 -12.10 8.33
N THR A 48 -4.00 -13.41 8.34
CA THR A 48 -2.79 -13.94 8.95
C THR A 48 -1.62 -13.82 7.98
N PRO A 49 -0.38 -14.02 8.45
CA PRO A 49 0.74 -14.00 7.53
C PRO A 49 0.59 -15.03 6.42
N GLN A 50 0.04 -16.19 6.73
CA GLN A 50 -0.22 -17.20 5.69
C GLN A 50 -1.11 -16.66 4.60
N ASP A 51 -2.19 -15.98 5.00
CA ASP A 51 -3.13 -15.41 4.06
C ASP A 51 -2.41 -14.37 3.21
N LEU A 52 -1.55 -13.58 3.85
CA LEU A 52 -0.81 -12.58 3.08
C LEU A 52 0.08 -13.20 2.03
N ASN A 53 0.79 -14.27 2.39
CA ASN A 53 1.61 -15.01 1.41
C ASN A 53 0.78 -15.62 0.34
N THR A 54 -0.37 -16.15 0.77
CA THR A 54 -1.32 -16.67 -0.22
C THR A 54 -1.66 -15.69 -1.28
N MET A 55 -2.08 -14.48 -0.89
CA MET A 55 -2.45 -13.48 -1.88
C MET A 55 -1.32 -13.12 -2.79
N LEU A 56 -0.15 -12.89 -2.19
CA LEU A 56 1.03 -12.57 -2.96
C LEU A 56 1.43 -13.70 -3.92
N ASN A 57 1.38 -14.93 -3.42
CA ASN A 57 1.82 -16.06 -4.21
C ASN A 57 0.84 -16.39 -5.39
N THR A 58 -0.42 -15.92 -5.32
CA THR A 58 -1.36 -16.28 -6.34
C THR A 58 -1.18 -15.42 -7.51
N VAL A 59 -0.35 -14.38 -7.38
CA VAL A 59 -0.04 -13.53 -8.52
C VAL A 59 0.92 -14.25 -9.45
N GLY A 60 0.56 -14.32 -10.72
CA GLY A 60 1.34 -15.06 -11.72
C GLY A 60 2.37 -14.20 -12.44
N GLY A 61 2.05 -12.96 -12.70
CA GLY A 61 2.98 -12.10 -13.44
C GLY A 61 3.84 -11.33 -12.45
N HIS A 62 4.46 -10.29 -12.96
CA HIS A 62 5.12 -9.33 -12.13
C HIS A 62 6.13 -9.90 -11.21
N GLN A 63 6.89 -10.90 -11.65
CA GLN A 63 7.80 -11.59 -10.71
C GLN A 63 9.03 -10.76 -10.38
N ALA A 64 9.36 -9.76 -11.19
CA ALA A 64 10.41 -8.85 -10.79
C ALA A 64 9.94 -8.13 -9.53
N ALA A 65 8.71 -7.59 -9.59
CA ALA A 65 8.16 -6.88 -8.46
C ALA A 65 8.14 -7.76 -7.25
N MET A 66 7.70 -9.03 -7.41
CA MET A 66 7.49 -9.91 -6.20
C MET A 66 8.83 -10.22 -5.60
N GLN A 67 9.84 -10.29 -6.47
CA GLN A 67 11.18 -10.48 -5.93
C GLN A 67 11.70 -9.19 -5.18
N MET A 68 11.44 -8.00 -5.71
CA MET A 68 11.79 -6.79 -4.98
C MET A 68 11.07 -6.77 -3.64
N LEU A 69 9.82 -7.23 -3.63
CA LEU A 69 9.07 -7.26 -2.44
C LEU A 69 9.62 -8.22 -1.36
N LYS A 70 10.04 -9.40 -1.78
CA LYS A 70 10.78 -10.28 -0.91
C LYS A 70 11.97 -9.60 -0.27
N GLU A 71 12.71 -8.85 -1.07
CA GLU A 71 13.88 -8.16 -0.55
C GLU A 71 13.50 -7.11 0.49
N THR A 72 12.40 -6.40 0.25
CA THR A 72 12.03 -5.39 1.18
C THR A 72 11.60 -6.09 2.44
N ILE A 73 10.84 -7.15 2.28
CA ILE A 73 10.38 -7.96 3.45
C ILE A 73 11.58 -8.46 4.30
N ASN A 74 12.58 -8.97 3.60
CA ASN A 74 13.80 -9.43 4.30
C ASN A 74 14.51 -8.34 5.13
N GLU A 75 14.64 -7.14 4.57
CA GLU A 75 15.18 -6.00 5.28
C GLU A 75 14.34 -5.62 6.52
N GLU A 76 13.01 -5.72 6.44
CA GLU A 76 12.17 -5.38 7.61
C GLU A 76 12.24 -6.45 8.65
N ALA A 77 12.22 -7.69 8.21
CA ALA A 77 12.41 -8.80 9.14
C ALA A 77 13.75 -8.71 9.90
N ALA A 78 14.82 -8.33 9.19
CA ALA A 78 16.12 -8.19 9.87
C ALA A 78 16.10 -7.03 10.86
N GLU A 79 15.41 -5.96 10.55
CA GLU A 79 15.26 -4.86 11.49
C GLU A 79 14.38 -5.24 12.69
N TRP A 80 13.30 -5.97 12.41
CA TRP A 80 12.55 -6.59 13.50
C TRP A 80 13.46 -7.44 14.44
N ASP A 81 14.33 -8.23 13.85
CA ASP A 81 15.16 -9.10 14.65
C ASP A 81 16.17 -8.28 15.42
N ARG A 82 16.62 -7.16 14.86
CA ARG A 82 17.53 -6.29 15.58
C ARG A 82 16.86 -5.75 16.83
N LEU A 83 15.59 -5.37 16.68
CA LEU A 83 14.81 -4.73 17.73
C LEU A 83 14.38 -5.73 18.81
N HIS A 84 13.98 -6.92 18.39
CA HIS A 84 13.29 -7.85 19.26
C HIS A 84 13.91 -9.23 19.13
N PRO A 85 15.12 -9.38 19.64
CA PRO A 85 15.74 -10.70 19.59
C PRO A 85 15.01 -11.71 20.46
N VAL A 86 15.05 -12.95 20.02
CA VAL A 86 14.36 -14.06 20.65
C VAL A 86 15.45 -14.90 21.30
N HIS A 87 15.22 -15.40 22.52
CA HIS A 87 16.19 -16.28 23.18
C HIS A 87 16.10 -17.65 22.48
N ALA A 88 17.26 -18.20 22.13
CA ALA A 88 17.33 -19.43 21.33
C ALA A 88 17.19 -20.68 22.21
N GLY A 89 17.24 -21.85 21.57
CA GLY A 89 17.19 -23.14 22.28
C GLY A 89 15.78 -23.64 22.46
N PRO A 90 15.47 -24.31 23.62
CA PRO A 90 14.15 -24.92 23.78
C PRO A 90 13.14 -24.06 24.55
N ILE A 91 11.95 -24.04 24.01
CA ILE A 91 10.88 -23.27 24.55
C ILE A 91 10.26 -24.00 25.75
N ALA A 92 9.83 -23.26 26.77
CA ALA A 92 8.98 -23.79 27.85
C ALA A 92 7.80 -24.64 27.32
N PRO A 93 7.70 -25.93 27.71
CA PRO A 93 6.64 -26.77 27.13
C PRO A 93 5.23 -26.16 27.16
N GLY A 94 4.60 -26.15 25.99
CA GLY A 94 3.21 -25.67 25.84
C GLY A 94 3.05 -24.17 25.93
N GLN A 95 4.16 -23.41 25.96
CA GLN A 95 4.09 -21.98 25.94
C GLN A 95 4.30 -21.39 24.55
N MET A 96 3.79 -20.16 24.37
CA MET A 96 4.02 -19.31 23.19
C MET A 96 5.48 -18.82 23.07
N ARG A 97 6.08 -19.11 21.93
CA ARG A 97 7.43 -18.67 21.66
C ARG A 97 7.34 -17.26 21.09
N GLU A 98 8.43 -16.53 21.07
CA GLU A 98 8.39 -15.14 20.57
C GLU A 98 8.63 -15.12 19.08
N PRO A 99 7.88 -14.27 18.32
CA PRO A 99 8.07 -14.30 16.87
C PRO A 99 9.35 -13.67 16.42
N ARG A 100 10.04 -14.30 15.47
CA ARG A 100 11.15 -13.67 14.76
C ARG A 100 10.62 -13.02 13.50
N GLY A 101 11.48 -12.35 12.74
CA GLY A 101 11.08 -11.64 11.52
C GLY A 101 10.47 -12.60 10.53
N SER A 102 11.13 -13.74 10.36
CA SER A 102 10.68 -14.78 9.43
C SER A 102 9.38 -15.45 9.86
N ASP A 103 9.07 -15.40 11.17
CA ASP A 103 7.83 -15.89 11.73
C ASP A 103 6.69 -14.95 11.34
N ILE A 104 6.96 -13.65 11.44
CA ILE A 104 5.97 -12.65 11.11
C ILE A 104 5.70 -12.68 9.63
N ALA A 105 6.75 -12.97 8.85
CA ALA A 105 6.65 -13.10 7.41
C ALA A 105 6.02 -14.42 6.96
N GLY A 106 5.67 -15.30 7.88
CA GLY A 106 5.04 -16.54 7.56
C GLY A 106 5.88 -17.66 6.96
N THR A 107 7.20 -17.53 6.95
CA THR A 107 8.05 -18.53 6.28
C THR A 107 8.55 -19.59 7.28
N THR A 108 8.74 -19.18 8.55
CA THR A 108 9.14 -20.11 9.60
C THR A 108 8.12 -20.35 10.71
N SER A 109 6.88 -19.93 10.49
CA SER A 109 5.83 -20.07 11.52
C SER A 109 4.68 -20.83 10.92
N THR A 110 3.97 -21.58 11.75
CA THR A 110 2.82 -22.36 11.32
C THR A 110 1.63 -21.47 11.43
N LEU A 111 0.53 -21.86 10.79
CA LEU A 111 -0.75 -21.23 10.96
C LEU A 111 -1.16 -21.15 12.42
N GLN A 112 -1.02 -22.27 13.12
CA GLN A 112 -1.36 -22.32 14.54
C GLN A 112 -0.56 -21.34 15.40
N GLU A 113 0.72 -21.20 15.16
CA GLU A 113 1.49 -20.19 15.85
C GLU A 113 1.00 -18.79 15.58
N GLN A 114 0.67 -18.52 14.30
CA GLN A 114 0.21 -17.20 13.90
C GLN A 114 -1.14 -16.87 14.54
N ILE A 115 -2.03 -17.83 14.55
CA ILE A 115 -3.28 -17.72 15.31
C ILE A 115 -3.06 -17.48 16.82
N GLY A 116 -2.19 -18.25 17.45
CA GLY A 116 -1.89 -18.00 18.83
C GLY A 116 -1.37 -16.61 19.09
N TRP A 117 -0.53 -16.07 18.21
CA TRP A 117 0.02 -14.73 18.46
C TRP A 117 -1.08 -13.74 18.33
N MET A 118 -1.85 -13.92 17.28
CA MET A 118 -2.83 -12.92 16.91
C MET A 118 -3.98 -12.89 17.91
N THR A 119 -4.26 -13.98 18.62
CA THR A 119 -5.42 -14.01 19.49
C THR A 119 -5.04 -14.08 20.95
N HIS A 120 -3.74 -13.93 21.22
CA HIS A 120 -3.28 -13.95 22.58
C HIS A 120 -3.71 -12.71 23.32
N ASN A 121 -3.76 -12.81 24.63
CA ASN A 121 -3.91 -11.62 25.44
C ASN A 121 -2.66 -11.31 26.30
N PRO A 122 -1.87 -10.27 26.01
CA PRO A 122 -2.14 -9.31 24.95
C PRO A 122 -1.69 -9.90 23.58
N PRO A 123 -2.30 -9.42 22.48
CA PRO A 123 -2.01 -9.98 21.16
C PRO A 123 -0.73 -9.46 20.54
N ILE A 124 -0.11 -10.29 19.71
CA ILE A 124 1.00 -9.82 18.88
C ILE A 124 0.44 -9.78 17.48
N PRO A 125 0.19 -8.58 16.96
CA PRO A 125 -0.59 -8.53 15.75
C PRO A 125 0.28 -8.87 14.52
N VAL A 126 0.72 -10.13 14.37
CA VAL A 126 1.69 -10.49 13.31
C VAL A 126 1.16 -10.25 11.93
N GLY A 127 -0.14 -10.41 11.76
CA GLY A 127 -0.74 -10.19 10.46
C GLY A 127 -0.62 -8.70 10.13
N GLU A 128 -0.86 -7.85 11.09
CA GLU A 128 -0.76 -6.39 10.80
C GLU A 128 0.67 -5.88 10.61
N ILE A 129 1.62 -6.49 11.34
CA ILE A 129 3.03 -6.06 11.25
C ILE A 129 3.56 -6.50 9.92
N TYR A 130 3.30 -7.77 9.54
CA TYR A 130 3.67 -8.17 8.18
C TYR A 130 3.03 -7.35 7.07
N LYS A 131 1.72 -7.08 7.19
CA LYS A 131 1.04 -6.27 6.19
C LYS A 131 1.70 -4.89 5.96
N ARG A 132 2.16 -4.29 7.06
CA ARG A 132 2.85 -3.03 6.97
C ARG A 132 4.15 -3.14 6.18
N TRP A 133 4.91 -4.17 6.44
CA TRP A 133 6.11 -4.44 5.64
C TRP A 133 5.79 -4.62 4.17
N ILE A 134 4.70 -5.32 3.87
CA ILE A 134 4.31 -5.60 2.50
C ILE A 134 3.94 -4.34 1.80
N ILE A 135 3.16 -3.52 2.47
CA ILE A 135 2.72 -2.26 1.88
C ILE A 135 3.90 -1.31 1.64
N LEU A 136 4.82 -1.29 2.59
CA LEU A 136 6.10 -0.56 2.42
C LEU A 136 6.74 -0.99 1.12
N GLY A 137 6.84 -2.30 0.91
CA GLY A 137 7.44 -2.80 -0.34
C GLY A 137 6.67 -2.46 -1.56
N LEU A 138 5.36 -2.57 -1.43
CA LEU A 138 4.47 -2.31 -2.55
C LEU A 138 4.54 -0.84 -2.98
N ASN A 139 4.59 0.05 -1.99
CA ASN A 139 4.70 1.47 -2.33
C ASN A 139 6.00 1.78 -3.12
N LYS A 140 7.08 1.10 -2.77
CA LYS A 140 8.33 1.27 -3.56
C LYS A 140 8.14 0.85 -5.00
N ILE A 141 7.35 -0.20 -5.20
CA ILE A 141 7.09 -0.74 -6.51
C ILE A 141 6.18 0.22 -7.28
N VAL A 142 5.14 0.69 -6.64
CA VAL A 142 4.27 1.70 -7.28
C VAL A 142 5.15 2.85 -7.83
N ARG A 143 5.98 3.36 -6.97
CA ARG A 143 6.83 4.47 -7.32
C ARG A 143 7.74 4.15 -8.50
N MET A 144 8.30 2.98 -8.46
CA MET A 144 9.24 2.55 -9.45
C MET A 144 8.60 2.39 -10.77
N TYR A 145 7.39 1.84 -10.79
CA TYR A 145 6.70 1.56 -12.03
C TYR A 145 5.88 2.77 -12.50
N SER A 146 5.89 3.86 -11.74
CA SER A 146 5.26 5.12 -12.19
C SER A 146 5.86 5.50 -13.57
N PRO A 147 5.05 5.53 -14.60
CA PRO A 147 5.69 5.78 -15.93
C PRO A 147 6.08 7.25 -16.21
N THR A 148 5.61 8.21 -15.42
CA THR A 148 5.90 9.61 -15.80
C THR A 148 6.24 10.49 -14.64
N SER A 149 7.25 11.37 -14.85
CA SER A 149 7.66 12.35 -13.84
C SER A 149 6.61 13.42 -13.83
N ILE A 150 6.32 13.95 -12.65
CA ILE A 150 5.39 15.05 -12.52
C ILE A 150 5.88 16.27 -13.30
N LEU A 151 7.19 16.34 -13.57
CA LEU A 151 7.76 17.47 -14.31
C LEU A 151 7.30 17.43 -15.75
N ASP A 152 6.89 16.25 -16.26
CA ASP A 152 6.40 16.14 -17.61
C ASP A 152 4.88 16.20 -17.74
N ILE A 153 4.18 16.40 -16.65
CA ILE A 153 2.74 16.54 -16.76
C ILE A 153 2.49 18.00 -16.99
N ARG A 154 2.18 18.33 -18.24
CA ARG A 154 1.88 19.70 -18.62
C ARG A 154 0.60 19.80 -19.48
N GLN A 155 -0.18 20.85 -19.23
CA GLN A 155 -1.48 20.96 -19.87
C GLN A 155 -1.26 21.20 -21.36
N GLY A 156 -1.98 20.44 -22.15
CA GLY A 156 -1.96 20.60 -23.62
C GLY A 156 -2.69 21.87 -24.03
N PRO A 157 -2.30 22.48 -25.17
CA PRO A 157 -2.96 23.73 -25.59
C PRO A 157 -4.49 23.71 -25.67
N LYS A 158 -5.09 22.58 -25.95
CA LYS A 158 -6.54 22.45 -25.93
C LYS A 158 -7.04 21.28 -25.06
N GLU A 159 -6.25 20.94 -24.05
CA GLU A 159 -6.57 19.91 -23.13
C GLU A 159 -7.40 20.61 -22.11
N PRO A 160 -8.60 20.11 -21.85
CA PRO A 160 -9.39 20.64 -20.73
C PRO A 160 -8.66 20.62 -19.37
N PHE A 161 -8.83 21.69 -18.58
CA PHE A 161 -8.09 21.82 -17.33
C PHE A 161 -8.29 20.61 -16.45
N ARG A 162 -9.51 20.13 -16.38
CA ARG A 162 -9.83 18.99 -15.54
C ARG A 162 -9.03 17.77 -15.89
N ASP A 163 -8.85 17.54 -17.19
CA ASP A 163 -8.15 16.35 -17.63
C ASP A 163 -6.68 16.43 -17.25
N TYR A 164 -6.14 17.64 -17.37
CA TYR A 164 -4.75 17.90 -16.95
C TYR A 164 -4.56 17.70 -15.44
N VAL A 165 -5.49 18.20 -14.66
CA VAL A 165 -5.38 18.06 -13.20
C VAL A 165 -5.51 16.56 -12.86
N ASP A 166 -6.44 15.87 -13.52
CA ASP A 166 -6.49 14.43 -13.34
C ASP A 166 -5.14 13.77 -13.61
N ARG A 167 -4.47 14.14 -14.72
CA ARG A 167 -3.13 13.52 -15.02
C ARG A 167 -2.12 13.85 -13.94
N PHE A 168 -2.15 15.10 -13.51
CA PHE A 168 -1.20 15.61 -12.56
C PHE A 168 -1.31 14.93 -11.22
N TYR A 169 -2.50 14.86 -10.64
CA TYR A 169 -2.63 14.24 -9.33
C TYR A 169 -2.51 12.73 -9.40
N LYS A 170 -2.75 12.13 -10.55
CA LYS A 170 -2.57 10.66 -10.75
C LYS A 170 -1.05 10.32 -10.72
N THR A 171 -0.30 11.15 -11.44
CA THR A 171 1.16 11.04 -11.46
C THR A 171 1.72 11.28 -10.09
N LEU A 172 1.28 12.33 -9.44
CA LEU A 172 1.81 12.67 -8.12
C LEU A 172 1.57 11.56 -7.13
N ARG A 173 0.39 10.95 -7.24
CA ARG A 173 0.02 9.85 -6.35
C ARG A 173 0.99 8.64 -6.50
N ALA A 174 1.40 8.35 -7.73
CA ALA A 174 2.25 7.26 -7.98
C ALA A 174 3.69 7.56 -7.50
N GLU A 175 4.15 8.78 -7.82
CA GLU A 175 5.46 9.28 -7.37
C GLU A 175 5.50 9.40 -5.85
N GLN A 176 4.35 9.45 -5.23
CA GLN A 176 4.07 9.27 -3.81
C GLN A 176 4.50 10.41 -2.94
N ALA A 177 4.19 11.63 -3.41
CA ALA A 177 4.42 12.85 -2.65
C ALA A 177 3.69 12.80 -1.29
N SER A 178 4.18 13.57 -0.31
CA SER A 178 3.48 13.73 0.98
C SER A 178 2.16 14.46 0.74
N GLN A 179 1.23 14.39 1.68
CA GLN A 179 0.00 15.21 1.57
C GLN A 179 0.26 16.73 1.84
N GLU A 180 1.41 17.07 2.43
CA GLU A 180 1.92 18.45 2.41
C GLU A 180 2.06 18.92 0.94
N VAL A 181 2.79 18.13 0.17
CA VAL A 181 3.11 18.41 -1.25
C VAL A 181 1.88 18.36 -2.20
N LYS A 182 0.95 17.45 -1.91
CA LYS A 182 -0.33 17.39 -2.64
C LYS A 182 -1.23 18.61 -2.31
N ASN A 183 -1.35 18.93 -1.01
CA ASN A 183 -1.87 20.23 -0.53
C ASN A 183 -1.16 21.45 -1.16
N ALA A 184 0.17 21.36 -1.32
CA ALA A 184 1.07 22.47 -1.76
C ALA A 184 1.24 22.71 -3.28
N ALA A 185 1.58 21.66 -4.07
CA ALA A 185 1.96 21.81 -5.49
C ALA A 185 0.87 22.49 -6.34
N THR A 186 -0.36 22.50 -5.80
CA THR A 186 -1.52 23.28 -6.29
C THR A 186 -1.28 24.78 -6.61
N GLU A 187 -0.73 25.55 -5.66
CA GLU A 187 -0.44 26.99 -5.88
C GLU A 187 0.91 27.23 -6.63
N THR A 188 1.58 26.14 -7.01
CA THR A 188 2.88 26.25 -7.66
C THR A 188 3.11 25.45 -8.95
N LEU A 189 3.41 24.15 -8.82
CA LEU A 189 3.72 23.38 -10.02
C LEU A 189 2.45 23.18 -10.90
N LEU A 190 1.31 23.03 -10.27
CA LEU A 190 0.07 22.92 -11.04
C LEU A 190 -0.19 24.12 -11.91
N VAL A 191 -0.01 25.31 -11.36
CA VAL A 191 -0.16 26.53 -12.16
C VAL A 191 0.90 26.65 -13.24
N GLN A 192 2.16 26.41 -12.87
CA GLN A 192 3.30 26.54 -13.80
C GLN A 192 3.15 25.68 -15.04
N ASN A 193 2.56 24.49 -14.85
CA ASN A 193 2.49 23.52 -15.89
C ASN A 193 1.14 23.68 -16.63
N ALA A 194 0.24 24.56 -16.17
CA ALA A 194 -0.94 24.92 -16.93
C ALA A 194 -0.60 25.53 -18.28
N ASN A 195 -1.53 25.54 -19.22
CA ASN A 195 -1.21 26.12 -20.54
C ASN A 195 -1.29 27.68 -20.46
N PRO A 196 -0.81 28.39 -21.51
CA PRO A 196 -0.75 29.85 -21.34
C PRO A 196 -2.10 30.52 -20.99
N ASP A 197 -3.16 30.15 -21.66
CA ASP A 197 -4.50 30.76 -21.41
C ASP A 197 -5.02 30.54 -19.99
N CYS A 198 -4.92 29.29 -19.52
CA CYS A 198 -5.37 28.96 -18.22
C CYS A 198 -4.45 29.58 -17.22
N LYS A 199 -3.14 29.55 -17.48
CA LYS A 199 -2.17 30.15 -16.55
C LYS A 199 -2.44 31.63 -16.23
N THR A 200 -2.71 32.43 -17.25
CA THR A 200 -3.08 33.84 -17.02
C THR A 200 -4.27 33.92 -16.06
N ILE A 201 -5.30 33.11 -16.32
CA ILE A 201 -6.53 33.09 -15.48
C ILE A 201 -6.15 32.77 -14.02
N LEU A 202 -5.27 31.81 -13.84
CA LEU A 202 -4.94 31.35 -12.51
C LEU A 202 -4.12 32.35 -11.72
N LYS A 203 -3.06 32.85 -12.35
CA LYS A 203 -2.31 33.99 -11.79
C LYS A 203 -3.23 35.12 -11.36
N ALA A 204 -4.11 35.53 -12.26
CA ALA A 204 -5.04 36.60 -11.95
C ALA A 204 -5.97 36.25 -10.78
N LEU A 205 -6.32 34.99 -10.56
CA LEU A 205 -7.11 34.65 -9.37
C LEU A 205 -6.48 35.17 -8.09
N GLY A 206 -5.14 35.20 -8.04
CA GLY A 206 -4.39 35.57 -6.83
C GLY A 206 -4.10 34.30 -6.08
N PRO A 207 -3.20 34.36 -5.06
CA PRO A 207 -2.90 33.13 -4.33
C PRO A 207 -4.00 32.87 -3.30
N GLY A 208 -3.85 31.79 -2.56
CA GLY A 208 -4.86 31.28 -1.64
C GLY A 208 -5.92 30.38 -2.27
N ALA A 209 -6.00 30.31 -3.61
CA ALA A 209 -7.16 29.74 -4.33
C ALA A 209 -7.31 28.25 -4.10
N THR A 210 -8.53 27.77 -3.92
CA THR A 210 -8.68 26.34 -3.76
C THR A 210 -8.59 25.72 -5.14
N LEU A 211 -8.48 24.40 -5.17
CA LEU A 211 -8.42 23.70 -6.43
C LEU A 211 -9.75 23.85 -7.15
N GLU A 212 -10.84 23.73 -6.40
CA GLU A 212 -12.16 23.99 -6.95
C GLU A 212 -12.23 25.33 -7.68
N GLU A 213 -11.67 26.36 -7.04
CA GLU A 213 -11.74 27.71 -7.60
C GLU A 213 -10.96 27.77 -8.89
N MET A 214 -9.80 27.12 -8.88
CA MET A 214 -8.93 27.05 -10.06
C MET A 214 -9.55 26.31 -11.19
N MET A 215 -10.23 25.21 -10.85
CA MET A 215 -10.90 24.37 -11.81
C MET A 215 -12.12 25.07 -12.37
N THR A 216 -12.90 25.75 -11.54
CA THR A 216 -13.93 26.66 -12.08
C THR A 216 -13.35 27.73 -13.00
N ALA A 217 -12.30 28.42 -12.54
CA ALA A 217 -11.68 29.48 -13.30
C ALA A 217 -11.29 29.06 -14.70
N CYS A 218 -10.62 27.91 -14.84
CA CYS A 218 -10.17 27.43 -16.17
C CYS A 218 -11.16 26.51 -16.89
N GLN A 219 -12.35 26.36 -16.34
CA GLN A 219 -13.44 25.76 -17.09
C GLN A 219 -13.61 26.49 -18.41
#